data_1GKL
#
_entry.id   1GKL
#
_cell.length_a   65.101
_cell.length_b   108.233
_cell.length_c   112.964
_cell.angle_alpha   90.00
_cell.angle_beta   90.00
_cell.angle_gamma   90.00
#
_symmetry.space_group_name_H-M   'P 21 21 21'
#
loop_
_entity.id
_entity.type
_entity.pdbx_description
1 polymer 'ENDO-1,4-BETA-XYLANASE Y'
2 non-polymer '3-(4-HYDROXY-3-METHOXYPHENYL)-2-PROPENOIC ACID'
3 non-polymer GLYCEROL
4 non-polymer 'ACETATE ION'
5 non-polymer 'CADMIUM ION'
6 water water
#
_entity_poly.entity_id   1
_entity_poly.type   'polypeptide(L)'
_entity_poly.pdbx_seq_one_letter_code
;MASDKFPVAENPSSSFKYESAVQYRPAPDSYLNPCPQAGRIVKETYTGINGTKSLNVYLPYGYDPNKKYNIFYLMHGGGE
NENTIFSNDVKLQNILDHAIMNGELEPLIVVTPTFNGGNCTAQNFYQEFRQNVIPFVESKYSTYAESTTPQGIAASRMHR
GFGGFAMGGLTTWYVMVNCLDYVAYFMPLSGDYWYGNSPQDKANSIAEAINRSGLSKREYFVFAATGSEDIAYANMNPQI
EAMKALPHFDYTSDFSKGNFYFLVAPGATHWWGYVRHYIYDALPYFFHELEHHHHHH
;
_entity_poly.pdbx_strand_id   A,B
#
loop_
_chem_comp.id
_chem_comp.type
_chem_comp.name
_chem_comp.formula
ACT non-polymer 'ACETATE ION' 'C2 H3 O2 -1'
CD non-polymer 'CADMIUM ION' 'Cd 2'
FER non-polymer '3-(4-HYDROXY-3-METHOXYPHENYL)-2-PROPENOIC ACID' 'C10 H10 O4'
GOL non-polymer GLYCEROL 'C3 H8 O3'
#
# COMPACT_ATOMS: atom_id res chain seq x y z
N SER A 15 30.62 4.35 -24.13
CA SER A 15 31.74 3.65 -23.47
C SER A 15 31.22 2.49 -22.61
N PHE A 16 30.12 2.70 -21.90
CA PHE A 16 29.54 1.65 -21.07
C PHE A 16 29.37 0.26 -21.70
N LYS A 17 29.86 -0.74 -20.97
CA LYS A 17 29.66 -2.15 -21.31
C LYS A 17 29.17 -2.88 -20.08
N TYR A 18 28.12 -3.67 -20.25
CA TYR A 18 27.66 -4.48 -19.14
C TYR A 18 28.71 -5.51 -18.69
N GLU A 19 28.82 -5.69 -17.38
N GLU A 19 28.83 -5.69 -17.38
CA GLU A 19 29.57 -6.80 -16.79
CA GLU A 19 29.58 -6.79 -16.79
C GLU A 19 28.51 -7.72 -16.21
C GLU A 19 28.52 -7.72 -16.19
N SER A 20 28.84 -9.00 -16.05
CA SER A 20 27.88 -9.96 -15.50
C SER A 20 27.83 -10.02 -13.98
N ALA A 21 28.88 -9.56 -13.31
CA ALA A 21 28.92 -9.54 -11.85
C ALA A 21 29.67 -8.29 -11.41
N VAL A 22 29.08 -7.14 -11.71
CA VAL A 22 29.74 -5.87 -11.40
C VAL A 22 30.07 -5.78 -9.90
N GLN A 23 31.23 -5.25 -9.60
CA GLN A 23 31.68 -5.09 -8.23
C GLN A 23 31.58 -3.65 -7.77
N TYR A 24 31.46 -3.45 -6.47
CA TYR A 24 31.40 -2.14 -5.87
C TYR A 24 32.67 -1.35 -6.17
N ARG A 25 32.49 -0.11 -6.61
CA ARG A 25 33.62 0.79 -6.83
C ARG A 25 33.12 2.19 -6.57
N PRO A 26 33.67 2.90 -5.59
CA PRO A 26 33.22 4.27 -5.36
C PRO A 26 33.59 5.18 -6.51
N ALA A 27 32.82 6.23 -6.72
CA ALA A 27 33.21 7.25 -7.68
C ALA A 27 34.52 7.85 -7.16
N PRO A 28 35.39 8.30 -8.05
CA PRO A 28 36.61 8.97 -7.59
C PRO A 28 36.28 10.14 -6.65
N ASP A 29 37.16 10.48 -5.70
CA ASP A 29 36.90 11.58 -4.78
C ASP A 29 36.57 12.88 -5.54
N SER A 30 37.20 13.06 -6.68
CA SER A 30 36.99 14.26 -7.47
C SER A 30 35.54 14.41 -7.94
N TYR A 31 34.81 13.31 -8.03
CA TYR A 31 33.41 13.35 -8.46
C TYR A 31 32.51 13.96 -7.39
N LEU A 32 33.01 14.11 -6.17
CA LEU A 32 32.21 14.70 -5.09
C LEU A 32 32.28 16.21 -5.05
N ASN A 33 33.14 16.80 -5.89
CA ASN A 33 33.27 18.23 -5.98
C ASN A 33 32.50 18.73 -7.19
N PRO A 34 32.09 19.98 -7.20
CA PRO A 34 31.33 20.51 -8.33
C PRO A 34 31.99 20.34 -9.69
N CYS A 35 31.18 20.01 -10.69
CA CYS A 35 31.59 19.85 -12.08
C CYS A 35 31.20 21.11 -12.85
N PRO A 36 32.06 21.62 -13.74
CA PRO A 36 31.66 22.78 -14.54
C PRO A 36 30.46 22.53 -15.44
N GLN A 37 30.24 21.28 -15.85
CA GLN A 37 29.10 20.95 -16.70
C GLN A 37 27.93 20.55 -15.79
N ALA A 38 27.41 21.51 -15.05
CA ALA A 38 26.43 21.24 -14.02
C ALA A 38 25.02 21.20 -14.54
N GLY A 39 24.32 20.12 -14.25
CA GLY A 39 22.91 20.07 -14.56
C GLY A 39 22.16 21.04 -13.68
N ARG A 40 21.05 21.55 -14.18
CA ARG A 40 20.22 22.48 -13.43
C ARG A 40 19.29 21.71 -12.50
N ILE A 41 19.18 22.16 -11.26
CA ILE A 41 18.27 21.54 -10.27
C ILE A 41 17.14 22.53 -10.03
N VAL A 42 15.93 22.09 -10.31
CA VAL A 42 14.75 22.94 -10.21
C VAL A 42 13.87 22.47 -9.05
N LYS A 43 13.61 23.35 -8.11
CA LYS A 43 12.70 23.09 -7.00
C LYS A 43 11.28 23.33 -7.50
N GLU A 44 10.44 22.30 -7.40
CA GLU A 44 9.06 22.36 -7.85
C GLU A 44 8.11 22.17 -6.70
N THR A 45 6.93 22.74 -6.86
CA THR A 45 5.84 22.58 -5.91
C THR A 45 4.60 22.22 -6.68
N TYR A 46 3.87 21.22 -6.19
CA TYR A 46 2.69 20.73 -6.89
C TYR A 46 1.65 20.34 -5.85
N THR A 47 0.41 20.12 -6.27
CA THR A 47 -0.62 19.69 -5.33
C THR A 47 -1.20 18.37 -5.83
N GLY A 48 -1.30 17.40 -4.93
CA GLY A 48 -1.78 16.09 -5.29
C GLY A 48 -2.64 15.51 -4.17
N ILE A 49 -2.77 14.20 -4.16
CA ILE A 49 -3.65 13.54 -3.19
C ILE A 49 -3.18 13.69 -1.75
N ASN A 50 -1.93 14.08 -1.56
CA ASN A 50 -1.35 14.29 -0.23
C ASN A 50 -1.08 15.77 0.05
N GLY A 51 -1.78 16.62 -0.70
CA GLY A 51 -1.66 18.05 -0.50
C GLY A 51 -0.56 18.68 -1.34
N THR A 52 -0.22 19.90 -0.97
CA THR A 52 0.82 20.65 -1.65
C THR A 52 2.16 20.19 -1.11
N LYS A 53 3.02 19.78 -2.04
CA LYS A 53 4.32 19.19 -1.72
C LYS A 53 5.33 19.65 -2.74
N SER A 54 6.60 19.42 -2.43
CA SER A 54 7.67 19.82 -3.32
C SER A 54 8.56 18.63 -3.71
N LEU A 55 9.34 18.83 -4.74
CA LEU A 55 10.35 17.88 -5.17
C LEU A 55 11.44 18.66 -5.89
N ASN A 56 12.56 18.03 -6.18
CA ASN A 56 13.59 18.62 -7.01
C ASN A 56 13.74 17.82 -8.27
N VAL A 57 13.99 18.52 -9.37
CA VAL A 57 14.26 17.91 -10.65
C VAL A 57 15.66 18.28 -11.12
N TYR A 58 16.52 17.28 -11.30
CA TYR A 58 17.84 17.43 -11.89
C TYR A 58 17.69 17.23 -13.39
N LEU A 59 18.08 18.25 -14.15
CA LEU A 59 18.12 18.20 -15.60
C LEU A 59 19.58 18.08 -16.00
N PRO A 60 19.89 17.23 -16.98
CA PRO A 60 21.30 17.06 -17.34
C PRO A 60 21.86 18.31 -18.00
N TYR A 61 23.16 18.46 -17.94
CA TYR A 61 23.82 19.56 -18.64
C TYR A 61 23.51 19.41 -20.11
N GLY A 62 23.12 20.51 -20.75
CA GLY A 62 22.76 20.46 -22.15
C GLY A 62 21.32 20.03 -22.42
N TYR A 63 20.54 19.92 -21.35
CA TYR A 63 19.14 19.50 -21.47
C TYR A 63 18.46 20.23 -22.61
N ASP A 64 17.88 19.45 -23.49
CA ASP A 64 17.21 19.97 -24.69
C ASP A 64 15.79 19.39 -24.69
N PRO A 65 14.77 20.22 -24.48
CA PRO A 65 13.38 19.73 -24.43
C PRO A 65 12.87 19.13 -25.71
N ASN A 66 13.59 19.25 -26.81
CA ASN A 66 13.13 18.56 -27.99
C ASN A 66 13.85 17.22 -28.23
N LYS A 67 14.63 16.80 -27.23
CA LYS A 67 15.14 15.43 -27.16
C LYS A 67 14.33 14.71 -26.09
N LYS A 68 14.50 13.39 -25.98
CA LYS A 68 13.78 12.58 -25.00
C LYS A 68 14.79 11.98 -24.03
N TYR A 69 14.53 12.11 -22.74
CA TYR A 69 15.45 11.62 -21.69
C TYR A 69 14.84 10.53 -20.84
N ASN A 70 15.69 9.55 -20.47
CA ASN A 70 15.37 8.62 -19.42
C ASN A 70 15.03 9.42 -18.17
N ILE A 71 14.21 8.86 -17.28
CA ILE A 71 13.90 9.52 -16.03
C ILE A 71 13.99 8.51 -14.87
N PHE A 72 14.64 8.94 -13.80
CA PHE A 72 14.86 8.12 -12.61
C PHE A 72 14.38 8.89 -11.40
N TYR A 73 13.40 8.34 -10.70
CA TYR A 73 12.87 8.89 -9.47
C TYR A 73 13.58 8.24 -8.30
N LEU A 74 14.03 9.02 -7.33
CA LEU A 74 14.90 8.55 -6.26
C LEU A 74 14.44 9.08 -4.92
N MET A 75 14.08 8.16 -4.02
CA MET A 75 13.50 8.52 -2.73
C MET A 75 14.50 8.47 -1.57
N HIS A 76 14.40 9.50 -0.74
CA HIS A 76 15.18 9.66 0.48
C HIS A 76 14.77 8.63 1.54
N GLY A 77 15.48 8.66 2.66
CA GLY A 77 15.22 7.76 3.76
C GLY A 77 14.43 8.41 4.88
N GLY A 78 14.27 7.68 5.97
CA GLY A 78 13.53 8.19 7.10
C GLY A 78 14.18 9.41 7.70
N GLY A 79 13.35 10.39 8.05
CA GLY A 79 13.81 11.63 8.65
C GLY A 79 14.35 12.61 7.65
N GLU A 80 14.37 12.25 6.37
CA GLU A 80 14.94 13.10 5.33
C GLU A 80 13.82 13.74 4.55
N ASN A 81 14.18 14.44 3.48
N ASN A 81 14.18 14.46 3.50
CA ASN A 81 13.19 15.15 2.71
CA ASN A 81 13.17 15.14 2.69
C ASN A 81 13.64 15.27 1.24
C ASN A 81 13.64 15.27 1.24
N GLU A 82 12.83 15.93 0.43
CA GLU A 82 13.10 16.09 -1.01
C GLU A 82 14.37 16.84 -1.35
N ASN A 83 14.96 17.53 -0.37
CA ASN A 83 16.20 18.27 -0.57
C ASN A 83 17.45 17.54 -0.15
N THR A 84 17.30 16.41 0.55
CA THR A 84 18.45 15.74 1.11
C THR A 84 19.48 15.28 0.09
N ILE A 85 19.02 14.62 -0.97
CA ILE A 85 19.93 13.97 -1.90
C ILE A 85 20.84 14.96 -2.66
N PHE A 86 20.33 16.16 -2.90
CA PHE A 86 21.12 17.22 -3.53
C PHE A 86 21.69 18.21 -2.52
N SER A 87 21.56 17.91 -1.23
CA SER A 87 22.15 18.75 -0.20
C SER A 87 23.64 18.46 -0.04
N ASN A 88 24.29 19.29 0.77
CA ASN A 88 25.70 19.09 1.08
C ASN A 88 25.99 17.79 1.81
N ASP A 89 24.97 17.13 2.34
CA ASP A 89 25.18 15.87 3.06
C ASP A 89 25.31 14.69 2.09
N VAL A 90 24.98 14.89 0.82
CA VAL A 90 25.00 13.78 -0.15
C VAL A 90 25.70 14.17 -1.46
N LYS A 91 25.29 15.29 -2.04
CA LYS A 91 25.91 15.85 -3.25
C LYS A 91 25.82 14.92 -4.46
N LEU A 92 24.71 14.21 -4.57
CA LEU A 92 24.56 13.29 -5.71
C LEU A 92 24.71 13.98 -7.05
N GLN A 93 24.29 15.24 -7.14
CA GLN A 93 24.36 15.95 -8.40
C GLN A 93 25.80 16.09 -8.92
N ASN A 94 26.78 16.14 -8.02
CA ASN A 94 28.16 16.22 -8.46
C ASN A 94 28.56 14.91 -9.15
N ILE A 95 28.17 13.78 -8.57
CA ILE A 95 28.45 12.50 -9.16
C ILE A 95 27.75 12.38 -10.53
N LEU A 96 26.47 12.76 -10.57
CA LEU A 96 25.72 12.72 -11.83
C LEU A 96 26.40 13.59 -12.88
N ASP A 97 26.72 14.81 -12.50
CA ASP A 97 27.32 15.73 -13.46
C ASP A 97 28.62 15.17 -14.01
N HIS A 98 29.49 14.69 -13.13
CA HIS A 98 30.79 14.18 -13.59
C HIS A 98 30.62 12.93 -14.44
N ALA A 99 29.71 12.04 -14.04
CA ALA A 99 29.53 10.80 -14.78
C ALA A 99 28.97 11.05 -16.18
N ILE A 100 28.03 11.98 -16.29
CA ILE A 100 27.46 12.34 -17.58
C ILE A 100 28.53 13.05 -18.46
N MET A 101 29.29 13.96 -17.86
CA MET A 101 30.32 14.66 -18.64
C MET A 101 31.37 13.69 -19.17
N ASN A 102 31.71 12.68 -18.38
CA ASN A 102 32.73 11.72 -18.79
C ASN A 102 32.21 10.59 -19.67
N GLY A 103 30.92 10.53 -19.91
CA GLY A 103 30.35 9.53 -20.81
C GLY A 103 30.01 8.19 -20.19
N GLU A 104 30.16 8.10 -18.87
CA GLU A 104 29.89 6.90 -18.09
C GLU A 104 28.39 6.65 -17.95
N LEU A 105 27.63 7.73 -17.95
CA LEU A 105 26.20 7.71 -17.71
C LEU A 105 25.57 8.54 -18.81
N GLU A 106 24.60 8.00 -19.52
CA GLU A 106 23.88 8.76 -20.52
C GLU A 106 23.05 9.82 -19.81
N PRO A 107 22.89 11.00 -20.39
CA PRO A 107 22.12 12.05 -19.74
C PRO A 107 20.69 11.59 -19.44
N LEU A 108 20.22 11.95 -18.26
CA LEU A 108 18.88 11.61 -17.83
C LEU A 108 18.41 12.65 -16.84
N ILE A 109 17.10 12.64 -16.61
CA ILE A 109 16.46 13.45 -15.60
C ILE A 109 16.39 12.62 -14.31
N VAL A 110 16.75 13.25 -13.19
CA VAL A 110 16.67 12.59 -11.89
C VAL A 110 15.78 13.41 -10.99
N VAL A 111 14.76 12.79 -10.43
CA VAL A 111 13.79 13.46 -9.60
C VAL A 111 13.88 12.99 -8.16
N THR A 112 13.91 13.89 -7.20
CA THR A 112 13.95 13.56 -5.80
C THR A 112 12.67 14.09 -5.13
N PRO A 113 11.65 13.24 -5.03
CA PRO A 113 10.40 13.62 -4.36
C PRO A 113 10.48 13.29 -2.87
N THR A 114 9.34 13.34 -2.18
CA THR A 114 9.31 13.01 -0.78
C THR A 114 8.07 12.20 -0.43
N PHE A 115 8.23 11.30 0.53
CA PHE A 115 7.10 10.59 1.12
C PHE A 115 6.53 11.32 2.34
N ASN A 116 7.03 12.51 2.64
CA ASN A 116 6.47 13.32 3.73
C ASN A 116 5.22 14.05 3.23
N GLY A 117 4.41 14.53 4.17
CA GLY A 117 3.31 15.41 3.83
C GLY A 117 1.95 14.77 3.74
N GLY A 118 0.94 15.46 4.27
CA GLY A 118 -0.41 14.97 4.21
C GLY A 118 -0.56 13.56 4.76
N ASN A 119 -1.22 12.70 4.00
CA ASN A 119 -1.40 11.30 4.36
C ASN A 119 -0.28 10.41 3.85
N CYS A 120 0.75 11.01 3.26
CA CYS A 120 1.78 10.21 2.60
C CYS A 120 2.69 9.49 3.57
N THR A 121 3.06 8.27 3.18
CA THR A 121 4.06 7.48 3.90
C THR A 121 5.00 6.81 2.90
N ALA A 122 6.09 6.26 3.41
CA ALA A 122 7.01 5.54 2.55
C ALA A 122 6.28 4.39 1.84
N GLN A 123 5.32 3.75 2.53
CA GLN A 123 4.55 2.63 2.01
C GLN A 123 3.57 3.02 0.93
N ASN A 124 2.85 4.12 1.13
CA ASN A 124 1.77 4.48 0.22
C ASN A 124 2.13 5.51 -0.86
N PHE A 125 3.38 5.97 -0.88
CA PHE A 125 3.77 7.02 -1.81
C PHE A 125 3.46 6.66 -3.25
N TYR A 126 3.53 5.38 -3.62
CA TYR A 126 3.30 4.98 -5.00
C TYR A 126 1.99 5.53 -5.56
N GLN A 127 0.98 5.72 -4.72
CA GLN A 127 -0.28 6.22 -5.26
CA GLN A 127 -0.24 6.20 -5.32
C GLN A 127 -0.16 7.66 -5.73
N GLU A 128 0.45 8.50 -4.93
CA GLU A 128 0.73 9.88 -5.34
C GLU A 128 1.69 9.90 -6.52
N PHE A 129 2.67 8.99 -6.52
CA PHE A 129 3.62 8.89 -7.63
C PHE A 129 2.88 8.71 -8.95
N ARG A 130 1.96 7.76 -8.98
CA ARG A 130 1.20 7.44 -10.18
C ARG A 130 0.30 8.59 -10.64
N GLN A 131 -0.45 9.14 -9.69
CA GLN A 131 -1.51 10.10 -10.05
C GLN A 131 -1.03 11.53 -10.18
N ASN A 132 -0.03 11.91 -9.40
CA ASN A 132 0.36 13.32 -9.34
C ASN A 132 1.81 13.60 -9.77
N VAL A 133 2.76 12.83 -9.26
CA VAL A 133 4.16 13.12 -9.52
C VAL A 133 4.54 12.90 -11.00
N ILE A 134 4.23 11.74 -11.55
CA ILE A 134 4.59 11.49 -12.94
C ILE A 134 3.92 12.53 -13.86
N PRO A 135 2.60 12.74 -13.77
CA PRO A 135 1.99 13.73 -14.67
C PRO A 135 2.55 15.13 -14.46
N PHE A 136 2.85 15.53 -13.25
CA PHE A 136 3.39 16.87 -13.04
C PHE A 136 4.77 17.03 -13.67
N VAL A 137 5.68 16.11 -13.36
CA VAL A 137 7.03 16.22 -13.86
C VAL A 137 7.11 16.00 -15.35
N GLU A 138 6.45 14.97 -15.84
CA GLU A 138 6.63 14.55 -17.22
C GLU A 138 5.78 15.32 -18.23
N SER A 139 4.89 16.16 -17.72
CA SER A 139 4.20 17.11 -18.60
C SER A 139 5.07 18.36 -18.77
N LYS A 140 5.97 18.63 -17.81
CA LYS A 140 6.84 19.83 -17.84
C LYS A 140 8.16 19.56 -18.54
N TYR A 141 8.70 18.35 -18.38
CA TYR A 141 10.00 18.01 -18.88
C TYR A 141 9.92 16.89 -19.90
N SER A 142 10.95 16.75 -20.72
CA SER A 142 10.91 15.85 -21.85
C SER A 142 11.46 14.47 -21.58
N THR A 143 10.55 13.55 -21.33
CA THR A 143 10.88 12.14 -21.16
C THR A 143 10.40 11.42 -22.40
N TYR A 144 10.32 10.10 -22.33
CA TYR A 144 9.79 9.33 -23.46
C TYR A 144 8.26 9.31 -23.46
N ALA A 145 7.64 9.87 -22.43
CA ALA A 145 6.17 9.96 -22.40
C ALA A 145 5.71 11.03 -23.39
N GLU A 146 5.02 10.60 -24.42
CA GLU A 146 4.45 11.51 -25.42
C GLU A 146 3.31 12.32 -24.81
N SER A 147 2.59 11.69 -23.89
CA SER A 147 1.59 12.38 -23.08
C SER A 147 1.62 11.74 -21.71
N THR A 148 0.95 12.35 -20.76
CA THR A 148 0.95 11.85 -19.39
C THR A 148 -0.41 11.26 -18.96
N THR A 149 -1.17 10.80 -19.94
CA THR A 149 -2.33 9.97 -19.63
C THR A 149 -1.76 8.63 -19.16
N PRO A 150 -2.54 7.81 -18.48
CA PRO A 150 -2.08 6.47 -18.11
C PRO A 150 -1.48 5.71 -19.29
N GLN A 151 -2.12 5.84 -20.45
CA GLN A 151 -1.64 5.18 -21.64
C GLN A 151 -0.24 5.69 -22.06
N GLY A 152 -0.06 7.01 -22.02
CA GLY A 152 1.21 7.61 -22.39
C GLY A 152 2.34 7.25 -21.43
N ILE A 153 2.00 7.17 -20.14
CA ILE A 153 2.96 6.77 -19.12
C ILE A 153 3.33 5.28 -19.32
N ALA A 154 2.34 4.42 -19.47
CA ALA A 154 2.60 3.00 -19.66
C ALA A 154 3.41 2.74 -20.91
N ALA A 155 3.14 3.50 -21.97
CA ALA A 155 3.84 3.30 -23.22
C ALA A 155 5.31 3.69 -23.16
N SER A 156 5.71 4.40 -22.12
CA SER A 156 7.09 4.85 -21.98
C SER A 156 7.81 4.21 -20.77
N ARG A 157 7.22 3.17 -20.21
CA ARG A 157 7.73 2.49 -19.02
C ARG A 157 9.16 1.99 -19.11
N MET A 158 9.63 1.61 -20.30
CA MET A 158 10.99 1.11 -20.44
C MET A 158 12.04 2.18 -20.18
N HIS A 159 11.62 3.44 -20.11
CA HIS A 159 12.55 4.55 -19.95
C HIS A 159 12.31 5.27 -18.63
N ARG A 160 11.72 4.57 -17.68
CA ARG A 160 11.38 5.13 -16.37
C ARG A 160 11.87 4.17 -15.29
N GLY A 161 12.51 4.75 -14.26
CA GLY A 161 13.04 3.97 -13.16
C GLY A 161 12.72 4.58 -11.82
N PHE A 162 12.79 3.76 -10.77
CA PHE A 162 12.52 4.21 -9.42
C PHE A 162 13.53 3.54 -8.50
N GLY A 163 14.09 4.31 -7.58
CA GLY A 163 14.98 3.78 -6.56
C GLY A 163 14.88 4.58 -5.30
N GLY A 164 15.59 4.17 -4.26
CA GLY A 164 15.49 4.87 -3.00
C GLY A 164 16.27 4.17 -1.92
N PHE A 165 16.57 4.90 -0.84
CA PHE A 165 17.41 4.42 0.26
C PHE A 165 16.62 4.22 1.54
N ALA A 166 16.78 3.02 2.12
CA ALA A 166 16.30 2.74 3.47
C ALA A 166 14.78 2.75 3.46
N MET A 167 14.09 3.62 4.19
CA MET A 167 12.64 3.71 3.99
C MET A 167 12.29 4.01 2.52
N GLY A 168 13.19 4.70 1.80
CA GLY A 168 13.00 4.93 0.39
C GLY A 168 13.19 3.67 -0.46
N GLY A 169 13.96 2.73 0.06
CA GLY A 169 14.06 1.41 -0.53
C GLY A 169 12.75 0.66 -0.36
N LEU A 170 12.15 0.77 0.82
CA LEU A 170 10.81 0.22 1.02
C LEU A 170 9.85 0.86 0.00
N THR A 171 9.92 2.19 -0.15
CA THR A 171 9.07 2.85 -1.15
C THR A 171 9.24 2.21 -2.51
N THR A 172 10.49 1.95 -2.87
CA THR A 172 10.82 1.36 -4.18
C THR A 172 10.14 0.01 -4.38
N TRP A 173 10.16 -0.84 -3.36
CA TRP A 173 9.54 -2.16 -3.46
C TRP A 173 8.02 -2.02 -3.64
N TYR A 174 7.40 -1.09 -2.92
CA TYR A 174 5.98 -0.85 -3.07
C TYR A 174 5.65 -0.26 -4.44
N VAL A 175 6.53 0.60 -4.95
CA VAL A 175 6.38 1.11 -6.32
C VAL A 175 6.46 -0.06 -7.30
N MET A 176 7.42 -0.95 -7.13
CA MET A 176 7.53 -2.08 -8.05
C MET A 176 6.25 -2.92 -8.08
N VAL A 177 5.76 -3.30 -6.92
CA VAL A 177 4.62 -4.22 -6.92
CA VAL A 177 4.64 -4.22 -6.96
C VAL A 177 3.35 -3.53 -7.39
N ASN A 178 3.24 -2.23 -7.25
CA ASN A 178 2.03 -1.54 -7.67
C ASN A 178 2.14 -0.75 -8.96
N CYS A 179 3.33 -0.68 -9.55
CA CYS A 179 3.55 0.20 -10.71
C CYS A 179 4.38 -0.44 -11.81
N LEU A 180 4.36 -1.75 -11.96
CA LEU A 180 5.08 -2.38 -13.06
C LEU A 180 4.60 -1.86 -14.41
N ASP A 181 3.34 -1.47 -14.50
CA ASP A 181 2.80 -0.90 -15.72
C ASP A 181 3.46 0.40 -16.14
N TYR A 182 4.01 1.12 -15.17
CA TYR A 182 4.60 2.44 -15.42
C TYR A 182 6.13 2.47 -15.31
N VAL A 183 6.76 1.48 -14.70
CA VAL A 183 8.18 1.56 -14.38
C VAL A 183 8.84 0.22 -14.69
N ALA A 184 9.97 0.24 -15.38
CA ALA A 184 10.68 -0.98 -15.74
C ALA A 184 11.95 -1.23 -14.92
N TYR A 185 12.57 -0.19 -14.38
CA TYR A 185 13.84 -0.34 -13.69
C TYR A 185 13.73 0.06 -12.23
N PHE A 186 14.25 -0.77 -11.35
CA PHE A 186 14.12 -0.59 -9.91
C PHE A 186 15.46 -0.66 -9.21
N MET A 187 15.73 0.29 -8.34
CA MET A 187 16.98 0.36 -7.59
C MET A 187 16.74 0.52 -6.08
N PRO A 188 16.31 -0.57 -5.42
CA PRO A 188 16.16 -0.53 -3.96
C PRO A 188 17.53 -0.58 -3.28
N LEU A 189 17.79 0.41 -2.46
CA LEU A 189 19.07 0.58 -1.79
C LEU A 189 18.90 0.44 -0.28
N SER A 190 19.52 -0.57 0.32
CA SER A 190 19.49 -0.70 1.78
C SER A 190 18.08 -0.62 2.39
N GLY A 191 17.16 -1.36 1.79
CA GLY A 191 15.82 -1.49 2.32
C GLY A 191 15.20 -2.74 1.72
N ASP A 192 14.41 -3.45 2.53
CA ASP A 192 13.70 -4.64 2.08
C ASP A 192 12.20 -4.34 1.92
N TYR A 193 11.49 -5.28 1.34
CA TYR A 193 10.04 -5.17 1.09
C TYR A 193 9.31 -5.71 2.31
N TRP A 194 8.56 -4.86 3.00
N TRP A 194 8.60 -4.84 3.01
CA TRP A 194 7.90 -5.29 4.25
CA TRP A 194 7.82 -5.22 4.21
C TRP A 194 6.58 -6.14 4.15
C TRP A 194 6.40 -5.54 3.76
N TYR A 195 6.22 -6.56 2.94
N TYR A 195 6.27 -6.68 3.10
CA TYR A 195 4.99 -7.28 2.71
CA TYR A 195 4.99 -7.30 2.78
C TYR A 195 5.12 -8.80 2.78
N GLY A 196 4.82 -9.36 3.95
CA GLY A 196 4.92 -10.81 4.13
C GLY A 196 5.61 -11.19 5.42
N ASN A 197 5.27 -12.38 5.90
CA ASN A 197 5.80 -12.89 7.15
C ASN A 197 7.06 -13.74 6.97
N SER A 198 7.51 -13.90 5.74
CA SER A 198 8.72 -14.64 5.44
C SER A 198 9.30 -14.10 4.15
N PRO A 199 10.56 -14.38 3.86
CA PRO A 199 11.15 -13.99 2.58
C PRO A 199 10.41 -14.56 1.39
N GLN A 200 9.89 -15.78 1.54
CA GLN A 200 9.14 -16.40 0.47
C GLN A 200 7.86 -15.62 0.19
N ASP A 201 7.22 -15.12 1.24
CA ASP A 201 5.99 -14.32 1.05
C ASP A 201 6.33 -13.08 0.23
N LYS A 202 7.45 -12.46 0.56
CA LYS A 202 7.87 -11.24 -0.16
C LYS A 202 8.12 -11.54 -1.63
N ALA A 203 8.88 -12.60 -1.90
CA ALA A 203 9.17 -12.97 -3.28
C ALA A 203 7.90 -13.35 -4.03
N ASN A 204 7.01 -14.06 -3.35
CA ASN A 204 5.77 -14.48 -3.99
C ASN A 204 4.87 -13.29 -4.35
N SER A 205 4.87 -12.28 -3.50
CA SER A 205 4.11 -11.07 -3.78
C SER A 205 4.64 -10.39 -5.05
N ILE A 206 5.95 -10.31 -5.15
CA ILE A 206 6.58 -9.69 -6.33
C ILE A 206 6.26 -10.54 -7.57
N ALA A 207 6.36 -11.86 -7.44
CA ALA A 207 6.04 -12.77 -8.54
C ALA A 207 4.60 -12.59 -8.98
N GLU A 208 3.68 -12.46 -8.04
CA GLU A 208 2.28 -12.29 -8.37
C GLU A 208 2.03 -10.97 -9.10
N ALA A 209 2.71 -9.91 -8.68
CA ALA A 209 2.61 -8.63 -9.37
C ALA A 209 3.10 -8.76 -10.81
N ILE A 210 4.22 -9.47 -10.99
CA ILE A 210 4.75 -9.69 -12.33
C ILE A 210 3.74 -10.49 -13.16
N ASN A 211 3.19 -11.56 -12.60
CA ASN A 211 2.18 -12.35 -13.31
C ASN A 211 1.02 -11.48 -13.77
N ARG A 212 0.48 -10.69 -12.85
CA ARG A 212 -0.64 -9.81 -13.17
C ARG A 212 -0.31 -8.80 -14.26
N SER A 213 0.94 -8.33 -14.28
CA SER A 213 1.35 -7.34 -15.28
C SER A 213 1.41 -7.91 -16.69
N GLY A 214 1.60 -9.22 -16.81
CA GLY A 214 1.77 -9.86 -18.11
C GLY A 214 3.14 -9.65 -18.75
N LEU A 215 4.04 -8.91 -18.09
CA LEU A 215 5.34 -8.61 -18.65
C LEU A 215 6.26 -9.80 -18.74
N SER A 216 7.13 -9.76 -19.74
CA SER A 216 8.17 -10.76 -19.86
C SER A 216 9.35 -10.39 -18.98
N LYS A 217 10.24 -11.34 -18.76
CA LYS A 217 11.43 -11.13 -17.96
C LYS A 217 12.40 -10.14 -18.57
N ARG A 218 12.16 -9.73 -19.82
CA ARG A 218 13.01 -8.76 -20.48
C ARG A 218 12.42 -7.35 -20.36
N GLU A 219 11.40 -7.19 -19.54
CA GLU A 219 10.66 -5.93 -19.43
C GLU A 219 10.65 -5.34 -18.02
N TYR A 220 11.38 -5.93 -17.07
CA TYR A 220 11.54 -5.35 -15.74
C TYR A 220 12.90 -5.79 -15.24
N PHE A 221 13.52 -4.94 -14.44
CA PHE A 221 14.91 -5.07 -14.01
C PHE A 221 15.05 -4.58 -12.59
N VAL A 222 15.71 -5.35 -11.75
CA VAL A 222 15.96 -4.97 -10.37
C VAL A 222 17.43 -5.01 -10.07
N PHE A 223 18.00 -3.86 -9.74
CA PHE A 223 19.40 -3.75 -9.31
C PHE A 223 19.35 -3.26 -7.88
N ALA A 224 19.41 -4.19 -6.94
CA ALA A 224 19.40 -3.89 -5.52
C ALA A 224 20.82 -3.70 -5.02
N ALA A 225 21.00 -2.96 -3.94
CA ALA A 225 22.34 -2.78 -3.41
C ALA A 225 22.30 -2.45 -1.94
N THR A 226 23.36 -2.83 -1.24
CA THR A 226 23.53 -2.42 0.13
C THR A 226 25.00 -2.61 0.49
N GLY A 227 25.33 -2.29 1.73
CA GLY A 227 26.69 -2.48 2.24
C GLY A 227 26.78 -3.75 3.08
N SER A 228 27.96 -4.36 3.10
CA SER A 228 28.11 -5.59 3.89
C SER A 228 28.02 -5.29 5.39
N GLU A 229 28.21 -4.03 5.79
CA GLU A 229 28.07 -3.65 7.18
C GLU A 229 26.86 -2.75 7.41
N ASP A 230 25.90 -2.83 6.50
CA ASP A 230 24.67 -2.07 6.54
C ASP A 230 23.56 -2.96 7.12
N ILE A 231 22.91 -2.49 8.18
CA ILE A 231 21.86 -3.26 8.81
C ILE A 231 20.80 -3.78 7.85
N ALA A 232 20.55 -3.08 6.75
CA ALA A 232 19.56 -3.54 5.79
C ALA A 232 19.88 -4.90 5.18
N TYR A 233 21.16 -5.26 5.15
CA TYR A 233 21.55 -6.56 4.63
C TYR A 233 20.80 -7.70 5.32
N ALA A 234 20.57 -7.55 6.61
CA ALA A 234 19.94 -8.63 7.40
C ALA A 234 18.62 -9.08 6.80
N ASN A 235 17.80 -8.14 6.36
CA ASN A 235 16.51 -8.49 5.79
C ASN A 235 16.53 -8.49 4.26
N MET A 236 17.42 -7.73 3.64
CA MET A 236 17.50 -7.80 2.18
C MET A 236 18.01 -9.12 1.69
N ASN A 237 19.08 -9.63 2.31
CA ASN A 237 19.70 -10.82 1.76
C ASN A 237 18.73 -12.02 1.65
N PRO A 238 17.99 -12.35 2.72
CA PRO A 238 17.03 -13.44 2.60
C PRO A 238 15.98 -13.21 1.50
N GLN A 239 15.52 -11.95 1.35
CA GLN A 239 14.56 -11.64 0.31
C GLN A 239 15.16 -11.85 -1.07
N ILE A 240 16.40 -11.37 -1.25
CA ILE A 240 17.08 -11.54 -2.55
C ILE A 240 17.22 -13.02 -2.88
N GLU A 241 17.62 -13.82 -1.90
CA GLU A 241 17.76 -15.25 -2.13
C GLU A 241 16.44 -15.89 -2.53
N ALA A 242 15.35 -15.52 -1.88
CA ALA A 242 14.05 -16.05 -2.25
C ALA A 242 13.66 -15.63 -3.65
N MET A 243 13.98 -14.40 -4.05
CA MET A 243 13.68 -13.91 -5.39
C MET A 243 14.50 -14.62 -6.46
N LYS A 244 15.73 -14.98 -6.12
CA LYS A 244 16.60 -15.68 -7.07
C LYS A 244 15.99 -17.02 -7.46
N ALA A 245 15.28 -17.64 -6.54
CA ALA A 245 14.67 -18.95 -6.78
C ALA A 245 13.44 -18.87 -7.69
N LEU A 246 12.92 -17.68 -7.94
CA LEU A 246 11.76 -17.53 -8.82
C LEU A 246 12.15 -17.61 -10.29
N PRO A 247 11.31 -18.19 -11.14
CA PRO A 247 11.61 -18.19 -12.57
C PRO A 247 11.55 -16.78 -13.15
N HIS A 248 10.93 -15.86 -12.41
CA HIS A 248 10.72 -14.48 -12.87
C HIS A 248 11.99 -13.67 -12.97
N PHE A 249 13.07 -14.13 -12.33
CA PHE A 249 14.33 -13.41 -12.30
C PHE A 249 15.47 -14.25 -12.80
N ASP A 250 16.29 -13.68 -13.65
CA ASP A 250 17.53 -14.29 -14.14
C ASP A 250 18.65 -13.44 -13.54
N TYR A 251 19.42 -14.01 -12.61
CA TYR A 251 20.40 -13.29 -11.81
C TYR A 251 21.68 -13.05 -12.58
N THR A 252 22.00 -11.77 -12.76
CA THR A 252 23.20 -11.28 -13.41
C THR A 252 23.06 -9.76 -13.54
N SER A 253 24.16 -9.03 -13.48
CA SER A 253 24.12 -7.60 -13.75
C SER A 253 24.15 -7.29 -15.24
N ASP A 254 24.36 -8.30 -16.08
CA ASP A 254 24.33 -8.08 -17.53
C ASP A 254 22.87 -8.08 -17.95
N PHE A 255 22.25 -6.90 -18.02
CA PHE A 255 20.84 -6.79 -18.31
C PHE A 255 20.50 -7.04 -19.78
N SER A 256 21.52 -7.32 -20.60
CA SER A 256 21.26 -7.79 -21.95
C SER A 256 20.94 -9.28 -21.92
N LYS A 257 21.18 -9.91 -20.78
CA LYS A 257 21.13 -11.38 -20.55
CA LYS A 257 20.95 -11.36 -20.65
C LYS A 257 20.13 -11.84 -19.44
C LYS A 257 19.90 -11.67 -19.58
N GLY A 258 19.83 -10.89 -18.53
CA GLY A 258 19.08 -11.20 -17.32
C GLY A 258 18.54 -9.91 -16.76
N ASN A 259 18.09 -9.95 -15.52
CA ASN A 259 17.29 -8.82 -15.02
C ASN A 259 17.34 -8.59 -13.52
N PHE A 260 18.31 -9.15 -12.83
CA PHE A 260 18.30 -9.10 -11.36
C PHE A 260 19.71 -9.17 -10.82
N TYR A 261 20.07 -8.23 -9.95
CA TYR A 261 21.38 -8.24 -9.32
C TYR A 261 21.30 -7.63 -7.94
N PHE A 262 22.20 -8.06 -7.05
CA PHE A 262 22.33 -7.54 -5.70
C PHE A 262 23.79 -7.22 -5.43
N LEU A 263 24.12 -5.94 -5.44
CA LEU A 263 25.47 -5.45 -5.20
C LEU A 263 25.66 -5.24 -3.70
N VAL A 264 26.68 -5.88 -3.12
CA VAL A 264 26.98 -5.73 -1.71
C VAL A 264 28.38 -5.13 -1.59
N ALA A 265 28.44 -3.92 -1.03
CA ALA A 265 29.71 -3.20 -0.94
C ALA A 265 30.47 -3.59 0.32
N PRO A 266 31.66 -4.18 0.16
CA PRO A 266 32.42 -4.59 1.34
C PRO A 266 32.74 -3.47 2.31
N GLY A 267 32.33 -3.65 3.56
CA GLY A 267 32.65 -2.73 4.63
C GLY A 267 31.76 -1.53 4.78
N ALA A 268 30.86 -1.31 3.81
CA ALA A 268 30.05 -0.11 3.84
C ALA A 268 28.93 -0.19 4.85
N THR A 269 28.64 0.93 5.49
CA THR A 269 27.62 1.05 6.49
C THR A 269 26.42 1.86 5.98
N HIS A 270 25.39 1.96 6.81
CA HIS A 270 24.12 2.58 6.46
C HIS A 270 24.24 4.08 6.50
N TRP A 271 24.73 4.63 5.40
CA TRP A 271 25.04 6.05 5.31
C TRP A 271 25.06 6.49 3.84
N TRP A 272 24.48 7.63 3.56
CA TRP A 272 24.49 8.20 2.20
C TRP A 272 25.90 8.33 1.64
N GLY A 273 26.90 8.47 2.50
CA GLY A 273 28.27 8.62 2.04
C GLY A 273 28.68 7.45 1.17
N TYR A 274 28.19 6.25 1.51
CA TYR A 274 28.40 5.05 0.72
C TYR A 274 27.31 4.86 -0.34
N VAL A 275 26.05 5.06 0.05
CA VAL A 275 24.93 4.73 -0.83
C VAL A 275 24.97 5.51 -2.14
N ARG A 276 25.46 6.75 -2.10
CA ARG A 276 25.58 7.54 -3.33
C ARG A 276 26.42 6.80 -4.37
N HIS A 277 27.44 6.05 -3.92
CA HIS A 277 28.28 5.29 -4.81
C HIS A 277 27.57 4.11 -5.42
N TYR A 278 26.58 3.58 -4.71
CA TYR A 278 25.80 2.49 -5.29
C TYR A 278 25.04 3.00 -6.49
N ILE A 279 24.54 4.24 -6.42
CA ILE A 279 23.85 4.86 -7.54
C ILE A 279 24.85 5.09 -8.68
N TYR A 280 26.05 5.58 -8.36
CA TYR A 280 27.10 5.68 -9.37
C TYR A 280 27.35 4.35 -10.08
N ASP A 281 27.38 3.25 -9.32
CA ASP A 281 27.67 1.95 -9.92
C ASP A 281 26.49 1.38 -10.72
N ALA A 282 25.29 1.58 -10.21
CA ALA A 282 24.09 0.95 -10.78
C ALA A 282 23.38 1.75 -11.85
N LEU A 283 23.30 3.06 -11.69
CA LEU A 283 22.53 3.85 -12.63
C LEU A 283 23.02 3.72 -14.06
N PRO A 284 24.32 3.60 -14.31
CA PRO A 284 24.78 3.36 -15.70
C PRO A 284 24.27 2.08 -16.34
N TYR A 285 23.75 1.15 -15.54
CA TYR A 285 23.22 -0.12 -16.03
C TYR A 285 21.76 0.01 -16.51
N PHE A 286 21.13 1.13 -16.23
CA PHE A 286 19.70 1.30 -16.54
C PHE A 286 19.41 1.89 -17.91
N PHE A 287 18.27 1.49 -18.46
CA PHE A 287 17.65 2.12 -19.61
C PHE A 287 18.27 1.80 -20.96
N HIS A 288 18.98 0.69 -21.11
CA HIS A 288 19.53 0.33 -22.41
C HIS A 288 18.73 -0.75 -23.10
N GLU A 289 17.86 -1.45 -22.39
CA GLU A 289 17.08 -2.52 -23.02
C GLU A 289 15.87 -1.92 -23.72
N LEU A 290 15.74 -2.22 -25.00
CA LEU A 290 14.69 -1.60 -25.82
C LEU A 290 14.89 -0.08 -25.90
N GLU A 291 16.13 0.38 -25.79
CA GLU A 291 16.39 1.81 -25.90
C GLU A 291 16.30 2.26 -27.35
N HIS A 292 16.12 3.56 -27.55
CA HIS A 292 15.89 4.07 -28.89
C HIS A 292 17.13 4.49 -29.65
N HIS A 293 18.25 4.66 -28.97
CA HIS A 293 19.51 4.94 -29.65
C HIS A 293 20.15 3.62 -30.05
N HIS A 294 21.04 3.67 -31.03
CA HIS A 294 21.76 2.51 -31.51
C HIS A 294 23.09 2.45 -30.74
N HIS A 295 23.10 1.67 -29.66
CA HIS A 295 24.25 1.53 -28.78
C HIS A 295 24.70 0.11 -28.66
N HIS A 296 25.99 -0.09 -28.44
CA HIS A 296 26.56 -1.41 -28.19
C HIS A 296 27.11 -1.47 -26.78
N HIS A 297 26.45 -2.23 -25.91
CA HIS A 297 26.86 -2.35 -24.51
C HIS A 297 27.26 -3.78 -24.20
N SER B 15 -32.58 -4.95 24.11
CA SER B 15 -31.70 -3.95 23.46
C SER B 15 -30.23 -4.30 23.72
N PHE B 16 -29.36 -3.94 22.79
CA PHE B 16 -27.93 -4.14 22.96
C PHE B 16 -27.25 -3.49 24.17
N LYS B 17 -26.48 -4.30 24.89
CA LYS B 17 -25.65 -3.83 25.99
C LYS B 17 -24.23 -4.36 25.77
N TYR B 18 -23.24 -3.50 25.89
CA TYR B 18 -21.86 -3.95 25.77
C TYR B 18 -21.48 -4.90 26.91
N GLU B 19 -20.74 -5.95 26.54
N GLU B 19 -20.74 -5.96 26.55
CA GLU B 19 -20.08 -6.84 27.50
CA GLU B 19 -20.08 -6.83 27.51
C GLU B 19 -18.60 -6.52 27.38
C GLU B 19 -18.60 -6.50 27.39
N SER B 20 -17.83 -6.74 28.44
CA SER B 20 -16.40 -6.46 28.41
C SER B 20 -15.54 -7.56 27.81
N ALA B 21 -16.04 -8.78 27.76
CA ALA B 21 -15.32 -9.89 27.13
C ALA B 21 -16.32 -10.77 26.39
N VAL B 22 -16.91 -10.24 25.33
CA VAL B 22 -17.93 -10.99 24.61
C VAL B 22 -17.37 -12.31 24.08
N GLN B 23 -18.20 -13.36 24.16
CA GLN B 23 -17.81 -14.68 23.73
C GLN B 23 -18.44 -15.05 22.41
N TYR B 24 -17.81 -15.95 21.67
CA TYR B 24 -18.34 -16.43 20.42
C TYR B 24 -19.69 -17.12 20.62
N ARG B 25 -20.64 -16.77 19.76
CA ARG B 25 -21.94 -17.40 19.76
C ARG B 25 -22.45 -17.34 18.31
N PRO B 26 -22.69 -18.47 17.69
CA PRO B 26 -23.23 -18.45 16.34
C PRO B 26 -24.65 -17.92 16.33
N ALA B 27 -25.05 -17.34 15.21
CA ALA B 27 -26.45 -17.00 15.02
C ALA B 27 -27.25 -18.30 15.05
N PRO B 28 -28.49 -18.27 15.52
CA PRO B 28 -29.33 -19.46 15.46
C PRO B 28 -29.42 -20.00 14.04
N ASP B 29 -29.61 -21.30 13.89
CA ASP B 29 -29.69 -21.89 12.57
C ASP B 29 -30.76 -21.22 11.70
N SER B 30 -31.86 -20.82 12.34
CA SER B 30 -32.96 -20.18 11.63
C SER B 30 -32.53 -18.87 10.96
N TYR B 31 -31.46 -18.24 11.46
CA TYR B 31 -31.00 -16.97 10.87
C TYR B 31 -30.34 -17.17 9.50
N LEU B 32 -30.04 -18.42 9.14
CA LEU B 32 -29.43 -18.73 7.85
C LEU B 32 -30.47 -18.86 6.74
N ASN B 33 -31.75 -18.88 7.09
CA ASN B 33 -32.81 -18.94 6.10
C ASN B 33 -33.36 -17.55 5.83
N PRO B 34 -33.97 -17.34 4.68
CA PRO B 34 -34.50 -16.01 4.35
C PRO B 34 -35.48 -15.48 5.37
N CYS B 35 -35.35 -14.20 5.67
CA CYS B 35 -36.23 -13.44 6.57
C CYS B 35 -37.19 -12.64 5.72
N PRO B 36 -38.49 -12.57 6.07
CA PRO B 36 -39.40 -11.76 5.26
C PRO B 36 -39.13 -10.28 5.33
N GLN B 37 -38.47 -9.80 6.38
CA GLN B 37 -38.12 -8.38 6.46
C GLN B 37 -36.75 -8.23 5.82
N ALA B 38 -36.70 -8.39 4.50
CA ALA B 38 -35.44 -8.49 3.79
C ALA B 38 -34.96 -7.16 3.28
N GLY B 39 -33.71 -6.83 3.61
CA GLY B 39 -33.08 -5.66 3.05
C GLY B 39 -32.89 -5.84 1.54
N ARG B 40 -33.00 -4.74 0.82
CA ARG B 40 -32.77 -4.75 -0.61
C ARG B 40 -31.27 -4.80 -0.90
N ILE B 41 -30.87 -5.62 -1.85
CA ILE B 41 -29.45 -5.70 -2.25
C ILE B 41 -29.39 -5.18 -3.69
N VAL B 42 -28.60 -4.14 -3.89
CA VAL B 42 -28.48 -3.49 -5.18
C VAL B 42 -27.09 -3.69 -5.76
N LYS B 43 -27.03 -4.25 -6.96
CA LYS B 43 -25.79 -4.38 -7.70
C LYS B 43 -25.49 -3.04 -8.37
N GLU B 44 -24.30 -2.50 -8.14
CA GLU B 44 -23.88 -1.24 -8.73
C GLU B 44 -22.59 -1.44 -9.50
N THR B 45 -22.42 -0.63 -10.54
CA THR B 45 -21.23 -0.65 -11.34
C THR B 45 -20.73 0.77 -11.45
N TYR B 46 -19.42 0.96 -11.28
CA TYR B 46 -18.80 2.28 -11.29
C TYR B 46 -17.43 2.16 -11.97
N THR B 47 -16.84 3.30 -12.32
CA THR B 47 -15.51 3.33 -12.90
C THR B 47 -14.61 4.18 -12.03
N GLY B 48 -13.49 3.60 -11.61
CA GLY B 48 -12.55 4.29 -10.76
C GLY B 48 -11.13 4.06 -11.22
N ILE B 49 -10.19 4.20 -10.30
CA ILE B 49 -8.77 4.12 -10.66
C ILE B 49 -8.35 2.74 -11.11
N ASN B 50 -9.15 1.72 -10.81
CA ASN B 50 -8.89 0.35 -11.26
C ASN B 50 -9.88 -0.10 -12.33
N GLY B 51 -10.45 0.87 -13.04
CA GLY B 51 -11.37 0.57 -14.13
C GLY B 51 -12.79 0.35 -13.67
N THR B 52 -13.57 -0.26 -14.55
CA THR B 52 -14.99 -0.49 -14.30
C THR B 52 -15.12 -1.74 -13.45
N LYS B 53 -15.81 -1.59 -12.33
CA LYS B 53 -15.95 -2.65 -11.34
C LYS B 53 -17.35 -2.57 -10.74
N SER B 54 -17.73 -3.62 -10.01
CA SER B 54 -19.05 -3.66 -9.38
C SER B 54 -18.94 -3.93 -7.89
N LEU B 55 -20.04 -3.67 -7.19
CA LEU B 55 -20.17 -3.95 -5.78
C LEU B 55 -21.65 -4.18 -5.51
N ASN B 56 -21.97 -4.69 -4.33
CA ASN B 56 -23.34 -4.81 -3.88
C ASN B 56 -23.56 -3.93 -2.68
N VAL B 57 -24.75 -3.33 -2.60
CA VAL B 57 -25.14 -2.52 -1.48
C VAL B 57 -26.38 -3.15 -0.84
N TYR B 58 -26.26 -3.54 0.41
CA TYR B 58 -27.36 -4.01 1.23
C TYR B 58 -27.94 -2.82 1.97
N LEU B 59 -29.25 -2.58 1.75
CA LEU B 59 -30.00 -1.54 2.43
C LEU B 59 -30.89 -2.25 3.45
N PRO B 60 -31.01 -1.71 4.65
CA PRO B 60 -31.84 -2.40 5.65
C PRO B 60 -33.32 -2.37 5.27
N TYR B 61 -34.06 -3.32 5.79
CA TYR B 61 -35.50 -3.33 5.61
C TYR B 61 -36.02 -2.03 6.21
N GLY B 62 -36.92 -1.36 5.49
CA GLY B 62 -37.44 -0.10 5.94
C GLY B 62 -36.55 1.10 5.64
N TYR B 63 -35.48 0.88 4.88
CA TYR B 63 -34.58 1.95 4.48
C TYR B 63 -35.37 3.20 4.05
N ASP B 64 -35.05 4.29 4.71
CA ASP B 64 -35.69 5.59 4.46
C ASP B 64 -34.56 6.54 4.06
N PRO B 65 -34.57 7.02 2.81
CA PRO B 65 -33.57 7.97 2.33
C PRO B 65 -33.47 9.27 3.10
N ASN B 66 -34.44 9.56 3.95
CA ASN B 66 -34.36 10.76 4.79
C ASN B 66 -33.62 10.54 6.10
N LYS B 67 -33.36 9.28 6.41
CA LYS B 67 -32.62 8.96 7.63
C LYS B 67 -31.17 8.71 7.24
N LYS B 68 -30.30 8.83 8.22
CA LYS B 68 -28.86 8.60 8.06
C LYS B 68 -28.50 7.27 8.69
N TYR B 69 -27.78 6.46 7.92
CA TYR B 69 -27.40 5.11 8.36
C TYR B 69 -25.91 4.95 8.50
N ASN B 70 -25.52 4.18 9.50
CA ASN B 70 -24.17 3.66 9.57
C ASN B 70 -23.92 2.87 8.29
N ILE B 71 -22.64 2.84 7.94
CA ILE B 71 -22.21 2.07 6.77
C ILE B 71 -20.98 1.23 7.09
N PHE B 72 -21.04 -0.02 6.67
CA PHE B 72 -19.97 -1.02 6.90
C PHE B 72 -19.58 -1.63 5.58
N TYR B 73 -18.33 -1.43 5.19
CA TYR B 73 -17.78 -1.99 3.97
C TYR B 73 -17.07 -3.30 4.34
N LEU B 74 -17.36 -4.36 3.60
CA LEU B 74 -16.94 -5.71 3.96
C LEU B 74 -16.33 -6.44 2.79
N MET B 75 -15.06 -6.83 2.94
CA MET B 75 -14.30 -7.43 1.84
C MET B 75 -14.18 -8.95 1.91
N HIS B 76 -14.36 -9.56 0.75
CA HIS B 76 -14.23 -10.98 0.54
C HIS B 76 -12.77 -11.43 0.63
N GLY B 77 -12.56 -12.74 0.52
CA GLY B 77 -11.23 -13.33 0.59
C GLY B 77 -10.67 -13.66 -0.79
N GLY B 78 -9.51 -14.30 -0.77
CA GLY B 78 -8.84 -14.70 -1.99
C GLY B 78 -9.70 -15.64 -2.80
N GLY B 79 -9.72 -15.41 -4.12
CA GLY B 79 -10.48 -16.24 -5.04
C GLY B 79 -11.96 -15.90 -5.10
N GLU B 80 -12.40 -14.95 -4.27
CA GLU B 80 -13.81 -14.58 -4.18
C GLU B 80 -14.07 -13.28 -4.95
N ASN B 81 -15.29 -12.77 -4.85
CA ASN B 81 -15.65 -11.56 -5.57
C ASN B 81 -16.75 -10.80 -4.82
N GLU B 82 -17.21 -9.69 -5.39
CA GLU B 82 -18.19 -8.81 -4.79
C GLU B 82 -19.54 -9.44 -4.54
N ASN B 83 -19.78 -10.60 -5.13
CA ASN B 83 -21.04 -11.33 -4.97
C ASN B 83 -20.98 -12.46 -3.95
N THR B 84 -19.81 -12.77 -3.46
CA THR B 84 -19.64 -13.96 -2.62
C THR B 84 -20.41 -13.88 -1.31
N ILE B 85 -20.28 -12.76 -0.61
CA ILE B 85 -20.83 -12.67 0.74
C ILE B 85 -22.36 -12.77 0.78
N PHE B 86 -23.02 -12.32 -0.28
CA PHE B 86 -24.48 -12.42 -0.39
C PHE B 86 -24.91 -13.61 -1.27
N SER B 87 -23.97 -14.46 -1.62
CA SER B 87 -24.29 -15.68 -2.39
C SER B 87 -24.78 -16.79 -1.47
N ASN B 88 -25.22 -17.88 -2.08
CA ASN B 88 -25.65 -19.04 -1.33
C ASN B 88 -24.54 -19.69 -0.52
N ASP B 89 -23.29 -19.36 -0.80
CA ASP B 89 -22.17 -19.93 -0.04
C ASP B 89 -21.95 -19.24 1.30
N VAL B 90 -22.59 -18.09 1.52
CA VAL B 90 -22.38 -17.35 2.76
C VAL B 90 -23.71 -16.90 3.39
N LYS B 91 -24.57 -16.27 2.58
CA LYS B 91 -25.91 -15.85 3.03
C LYS B 91 -25.88 -14.84 4.16
N LEU B 92 -24.91 -13.93 4.15
CA LEU B 92 -24.82 -12.97 5.25
C LEU B 92 -26.07 -12.11 5.37
N GLN B 93 -26.72 -11.82 4.24
CA GLN B 93 -27.92 -10.99 4.26
C GLN B 93 -29.02 -11.61 5.12
N ASN B 94 -29.08 -12.93 5.21
CA ASN B 94 -30.11 -13.55 6.04
C ASN B 94 -29.84 -13.26 7.51
N ILE B 95 -28.58 -13.36 7.91
CA ILE B 95 -28.18 -13.02 9.27
C ILE B 95 -28.47 -11.54 9.57
N LEU B 96 -28.07 -10.66 8.66
CA LEU B 96 -28.32 -9.24 8.83
C LEU B 96 -29.81 -8.95 8.96
N ASP B 97 -30.59 -9.56 8.06
CA ASP B 97 -32.03 -9.32 8.07
C ASP B 97 -32.65 -9.75 9.40
N HIS B 98 -32.34 -10.98 9.83
CA HIS B 98 -32.97 -11.45 11.05
C HIS B 98 -32.47 -10.67 12.27
N ALA B 99 -31.18 -10.29 12.30
CA ALA B 99 -30.66 -9.57 13.45
C ALA B 99 -31.29 -8.17 13.56
N ILE B 100 -31.46 -7.51 12.43
CA ILE B 100 -32.08 -6.19 12.43
C ILE B 100 -33.56 -6.30 12.80
N MET B 101 -34.25 -7.29 12.27
CA MET B 101 -35.68 -7.46 12.59
C MET B 101 -35.86 -7.73 14.08
N ASN B 102 -34.96 -8.51 14.66
CA ASN B 102 -35.09 -8.88 16.08
C ASN B 102 -34.53 -7.79 17.02
N GLY B 103 -33.94 -6.72 16.48
CA GLY B 103 -33.45 -5.64 17.32
C GLY B 103 -32.08 -5.86 17.92
N GLU B 104 -31.37 -6.86 17.42
CA GLU B 104 -30.02 -7.18 17.88
C GLU B 104 -28.97 -6.26 17.25
N LEU B 105 -29.31 -5.74 16.08
CA LEU B 105 -28.41 -4.93 15.29
C LEU B 105 -29.21 -3.73 14.78
N GLU B 106 -28.69 -2.52 14.99
CA GLU B 106 -29.37 -1.35 14.46
C GLU B 106 -29.26 -1.35 12.95
N PRO B 107 -30.27 -0.89 12.23
CA PRO B 107 -30.22 -0.90 10.76
C PRO B 107 -29.01 -0.15 10.25
N LEU B 108 -28.38 -0.67 9.22
CA LEU B 108 -27.21 -0.07 8.61
C LEU B 108 -27.10 -0.53 7.18
N ILE B 109 -26.30 0.18 6.40
CA ILE B 109 -25.95 -0.18 5.04
C ILE B 109 -24.68 -1.03 5.08
N VAL B 110 -24.69 -2.14 4.34
CA VAL B 110 -23.51 -3.00 4.25
C VAL B 110 -23.11 -3.09 2.79
N VAL B 111 -21.85 -2.79 2.48
CA VAL B 111 -21.38 -2.81 1.11
C VAL B 111 -20.35 -3.90 0.93
N THR B 112 -20.47 -4.66 -0.14
CA THR B 112 -19.50 -5.70 -0.44
C THR B 112 -18.85 -5.38 -1.77
N PRO B 113 -17.68 -4.74 -1.74
CA PRO B 113 -16.93 -4.40 -2.95
C PRO B 113 -15.96 -5.54 -3.29
N THR B 114 -15.02 -5.28 -4.18
CA THR B 114 -14.02 -6.28 -4.52
C THR B 114 -12.65 -5.67 -4.72
N PHE B 115 -11.63 -6.44 -4.36
CA PHE B 115 -10.24 -6.09 -4.64
C PHE B 115 -9.78 -6.64 -5.99
N ASN B 116 -10.67 -7.25 -6.75
CA ASN B 116 -10.35 -7.72 -8.10
C ASN B 116 -10.43 -6.56 -9.09
N GLY B 117 -9.87 -6.75 -10.27
CA GLY B 117 -10.01 -5.82 -11.36
C GLY B 117 -8.89 -4.82 -11.54
N GLY B 118 -8.56 -4.56 -12.79
CA GLY B 118 -7.52 -3.59 -13.10
C GLY B 118 -6.24 -3.85 -12.35
N ASN B 119 -5.69 -2.80 -11.76
CA ASN B 119 -4.48 -2.89 -10.96
C ASN B 119 -4.75 -3.18 -9.50
N CYS B 120 -5.99 -3.49 -9.15
CA CYS B 120 -6.36 -3.64 -7.76
C CYS B 120 -5.88 -4.93 -7.13
N THR B 121 -5.46 -4.83 -5.87
CA THR B 121 -5.10 -5.99 -5.07
C THR B 121 -5.67 -5.83 -3.66
N ALA B 122 -5.61 -6.88 -2.88
CA ALA B 122 -6.04 -6.81 -1.51
C ALA B 122 -5.28 -5.74 -0.75
N GLN B 123 -3.99 -5.58 -1.03
CA GLN B 123 -3.12 -4.62 -0.37
C GLN B 123 -3.40 -3.19 -0.78
N ASN B 124 -3.72 -2.95 -2.04
CA ASN B 124 -3.81 -1.57 -2.50
C ASN B 124 -5.24 -1.04 -2.66
N PHE B 125 -6.23 -1.88 -2.35
CA PHE B 125 -7.63 -1.51 -2.53
C PHE B 125 -7.98 -0.21 -1.81
N TYR B 126 -7.37 0.07 -0.68
CA TYR B 126 -7.69 1.28 0.07
C TYR B 126 -7.68 2.55 -0.78
N GLN B 127 -6.84 2.62 -1.81
CA GLN B 127 -6.79 3.85 -2.60
C GLN B 127 -8.08 4.05 -3.38
N GLU B 128 -8.52 3.00 -4.05
CA GLU B 128 -9.79 2.98 -4.76
C GLU B 128 -10.95 3.20 -3.78
N PHE B 129 -10.84 2.61 -2.59
CA PHE B 129 -11.86 2.77 -1.58
C PHE B 129 -12.06 4.25 -1.25
N ARG B 130 -10.95 4.94 -1.01
CA ARG B 130 -11.00 6.36 -0.66
C ARG B 130 -11.52 7.24 -1.77
N GLN B 131 -11.00 7.03 -2.96
CA GLN B 131 -11.24 7.95 -4.07
C GLN B 131 -12.50 7.66 -4.85
N ASN B 132 -12.88 6.40 -4.92
CA ASN B 132 -13.99 6.01 -5.79
C ASN B 132 -15.15 5.38 -5.06
N VAL B 133 -14.88 4.39 -4.23
CA VAL B 133 -15.98 3.63 -3.64
C VAL B 133 -16.80 4.43 -2.66
N ILE B 134 -16.16 5.11 -1.71
CA ILE B 134 -16.92 5.91 -0.77
C ILE B 134 -17.75 7.00 -1.49
N PRO B 135 -17.17 7.85 -2.33
CA PRO B 135 -18.02 8.85 -2.97
C PRO B 135 -19.12 8.28 -3.83
N PHE B 136 -18.86 7.19 -4.53
CA PHE B 136 -19.87 6.58 -5.38
C PHE B 136 -21.05 6.07 -4.55
N VAL B 137 -20.77 5.29 -3.53
CA VAL B 137 -21.84 4.71 -2.73
C VAL B 137 -22.57 5.78 -1.93
N GLU B 138 -21.82 6.66 -1.29
CA GLU B 138 -22.40 7.59 -0.32
C GLU B 138 -23.03 8.83 -0.97
N SER B 139 -22.83 8.99 -2.28
CA SER B 139 -23.57 9.99 -3.05
C SER B 139 -24.99 9.48 -3.34
N LYS B 140 -25.17 8.16 -3.38
CA LYS B 140 -26.46 7.57 -3.71
C LYS B 140 -27.29 7.15 -2.51
N TYR B 141 -26.63 6.62 -1.49
CA TYR B 141 -27.28 6.05 -0.32
C TYR B 141 -26.99 6.87 0.91
N SER B 142 -27.96 6.95 1.82
CA SER B 142 -27.92 7.90 2.90
C SER B 142 -27.15 7.49 4.14
N THR B 143 -25.92 7.97 4.20
CA THR B 143 -25.03 7.75 5.34
C THR B 143 -24.96 9.04 6.16
N TYR B 144 -24.07 9.11 7.13
CA TYR B 144 -23.89 10.33 7.89
C TYR B 144 -23.08 11.37 7.13
N ALA B 145 -22.52 11.02 5.98
CA ALA B 145 -21.79 12.02 5.18
C ALA B 145 -22.76 13.09 4.66
N GLU B 146 -22.47 14.35 4.98
CA GLU B 146 -23.29 15.48 4.52
C GLU B 146 -22.91 15.83 3.10
N SER B 147 -21.67 15.56 2.74
CA SER B 147 -21.16 15.69 1.38
C SER B 147 -20.15 14.57 1.20
N THR B 148 -19.77 14.29 -0.03
CA THR B 148 -18.76 13.27 -0.31
C THR B 148 -17.42 13.85 -0.70
N THR B 149 -17.20 15.09 -0.35
CA THR B 149 -15.86 15.65 -0.43
C THR B 149 -15.01 14.99 0.66
N PRO B 150 -13.69 15.08 0.58
CA PRO B 150 -12.86 14.54 1.66
C PRO B 150 -13.25 15.05 3.02
N GLN B 151 -13.61 16.34 3.09
CA GLN B 151 -14.04 16.92 4.35
C GLN B 151 -15.35 16.27 4.87
N GLY B 152 -16.31 16.06 3.97
CA GLY B 152 -17.58 15.46 4.38
C GLY B 152 -17.41 14.00 4.79
N ILE B 153 -16.52 13.29 4.12
CA ILE B 153 -16.23 11.90 4.48
C ILE B 153 -15.53 11.85 5.85
N ALA B 154 -14.51 12.69 6.03
CA ALA B 154 -13.80 12.73 7.31
C ALA B 154 -14.71 13.11 8.47
N ALA B 155 -15.64 14.03 8.22
CA ALA B 155 -16.54 14.49 9.26
C ALA B 155 -17.57 13.45 9.67
N SER B 156 -17.71 12.38 8.90
CA SER B 156 -18.67 11.33 9.22
C SER B 156 -17.99 10.00 9.54
N ARG B 157 -16.67 10.03 9.80
CA ARG B 157 -15.88 8.84 10.04
C ARG B 157 -16.35 7.97 11.20
N MET B 158 -16.98 8.54 12.23
CA MET B 158 -17.43 7.75 13.36
C MET B 158 -18.55 6.81 12.99
N HIS B 159 -19.13 6.99 11.80
CA HIS B 159 -20.26 6.17 11.39
C HIS B 159 -19.92 5.33 10.16
N ARG B 160 -18.63 5.04 9.99
CA ARG B 160 -18.13 4.28 8.86
C ARG B 160 -17.19 3.22 9.38
N GLY B 161 -17.36 2.01 8.85
CA GLY B 161 -16.53 0.88 9.26
C GLY B 161 -16.07 0.06 8.08
N PHE B 162 -15.02 -0.73 8.31
CA PHE B 162 -14.45 -1.59 7.28
C PHE B 162 -14.05 -2.91 7.92
N GLY B 163 -14.39 -4.00 7.26
CA GLY B 163 -13.97 -5.32 7.70
C GLY B 163 -13.75 -6.21 6.52
N GLY B 164 -13.30 -7.42 6.80
CA GLY B 164 -13.03 -8.36 5.73
C GLY B 164 -12.40 -9.65 6.22
N PHE B 165 -12.49 -10.67 5.37
CA PHE B 165 -12.04 -12.02 5.72
C PHE B 165 -10.81 -12.43 4.92
N ALA B 166 -9.80 -12.89 5.66
CA ALA B 166 -8.61 -13.53 5.08
C ALA B 166 -7.84 -12.50 4.27
N MET B 167 -7.67 -12.65 2.96
CA MET B 167 -7.06 -11.54 2.22
C MET B 167 -7.88 -10.25 2.41
N GLY B 168 -9.18 -10.37 2.64
CA GLY B 168 -10.00 -9.20 2.97
C GLY B 168 -9.71 -8.65 4.36
N GLY B 169 -9.19 -9.48 5.25
CA GLY B 169 -8.71 -9.03 6.54
C GLY B 169 -7.43 -8.22 6.33
N LEU B 170 -6.55 -8.71 5.47
CA LEU B 170 -5.37 -7.92 5.08
C LEU B 170 -5.82 -6.56 4.51
N THR B 171 -6.82 -6.58 3.63
CA THR B 171 -7.33 -5.31 3.10
C THR B 171 -7.73 -4.38 4.22
N THR B 172 -8.41 -4.92 5.23
CA THR B 172 -8.86 -4.15 6.38
C THR B 172 -7.73 -3.48 7.10
N TRP B 173 -6.64 -4.22 7.34
CA TRP B 173 -5.51 -3.61 8.03
C TRP B 173 -4.89 -2.47 7.20
N TYR B 174 -4.77 -2.66 5.88
CA TYR B 174 -4.25 -1.59 5.04
C TYR B 174 -5.22 -0.42 4.96
N VAL B 175 -6.52 -0.69 4.99
CA VAL B 175 -7.48 0.41 5.07
C VAL B 175 -7.29 1.17 6.40
N MET B 176 -7.11 0.45 7.50
CA MET B 176 -6.90 1.13 8.78
C MET B 176 -5.70 2.05 8.76
N VAL B 177 -4.57 1.55 8.31
CA VAL B 177 -3.35 2.37 8.41
CA VAL B 177 -3.39 2.39 8.43
C VAL B 177 -3.38 3.52 7.42
N ASN B 178 -4.13 3.40 6.33
CA ASN B 178 -4.18 4.48 5.33
C ASN B 178 -5.45 5.32 5.31
N CYS B 179 -6.44 4.96 6.12
CA CYS B 179 -7.74 5.62 6.07
C CYS B 179 -8.33 5.90 7.43
N LEU B 180 -7.51 6.11 8.46
CA LEU B 180 -8.08 6.45 9.77
C LEU B 180 -8.88 7.73 9.70
N ASP B 181 -8.51 8.62 8.80
CA ASP B 181 -9.24 9.87 8.62
C ASP B 181 -10.66 9.69 8.17
N TYR B 182 -10.94 8.56 7.51
CA TYR B 182 -12.26 8.27 6.94
C TYR B 182 -13.05 7.19 7.68
N VAL B 183 -12.39 6.35 8.47
CA VAL B 183 -13.04 5.16 9.03
C VAL B 183 -12.66 5.01 10.49
N ALA B 184 -13.65 4.77 11.35
CA ALA B 184 -13.42 4.63 12.79
C ALA B 184 -13.48 3.21 13.30
N TYR B 185 -14.22 2.33 12.62
CA TYR B 185 -14.42 0.96 13.12
C TYR B 185 -13.84 -0.05 12.17
N PHE B 186 -13.10 -1.01 12.71
CA PHE B 186 -12.39 -2.00 11.90
C PHE B 186 -12.65 -3.40 12.38
N MET B 187 -12.95 -4.30 11.43
CA MET B 187 -13.27 -5.69 11.74
C MET B 187 -12.43 -6.66 10.89
N PRO B 188 -11.14 -6.80 11.20
CA PRO B 188 -10.31 -7.77 10.49
C PRO B 188 -10.63 -9.19 10.94
N LEU B 189 -11.00 -10.05 10.00
CA LEU B 189 -11.42 -11.42 10.28
C LEU B 189 -10.43 -12.39 9.66
N SER B 190 -9.76 -13.19 10.51
CA SER B 190 -8.85 -14.24 10.04
C SER B 190 -7.84 -13.76 9.00
N GLY B 191 -7.22 -12.64 9.29
CA GLY B 191 -6.15 -12.12 8.49
C GLY B 191 -5.29 -11.18 9.32
N ASP B 192 -3.98 -11.25 9.14
CA ASP B 192 -3.06 -10.37 9.82
C ASP B 192 -2.55 -9.28 8.88
N TYR B 193 -1.88 -8.31 9.46
CA TYR B 193 -1.32 -7.16 8.72
C TYR B 193 0.07 -7.51 8.22
N TRP B 194 0.25 -7.60 6.91
N TRP B 194 0.23 -7.65 6.91
CA TRP B 194 1.55 -8.06 6.38
CA TRP B 194 1.53 -7.97 6.30
C TRP B 194 2.76 -7.07 6.37
C TRP B 194 2.26 -6.67 5.98
N TYR B 195 2.63 -5.91 7.00
N TYR B 195 2.79 -6.05 7.04
CA TYR B 195 3.63 -4.87 6.98
CA TYR B 195 3.70 -4.93 6.95
C TYR B 195 4.63 -4.92 8.14
N GLY B 196 5.79 -5.53 7.89
CA GLY B 196 6.80 -5.62 8.92
C GLY B 196 7.36 -7.00 9.07
N ASN B 197 8.57 -7.06 9.63
CA ASN B 197 9.31 -8.30 9.80
C ASN B 197 9.11 -8.93 11.16
N SER B 198 8.32 -8.29 12.01
CA SER B 198 8.01 -8.79 13.34
C SER B 198 6.63 -8.27 13.74
N PRO B 199 6.02 -8.87 14.75
CA PRO B 199 4.75 -8.35 15.25
C PRO B 199 4.89 -6.93 15.76
N GLN B 200 6.04 -6.59 16.32
CA GLN B 200 6.27 -5.24 16.81
C GLN B 200 6.26 -4.25 15.66
N ASP B 201 6.86 -4.62 14.52
CA ASP B 201 6.85 -3.74 13.36
C ASP B 201 5.39 -3.45 12.95
N LYS B 202 4.58 -4.51 12.96
CA LYS B 202 3.17 -4.36 12.57
C LYS B 202 2.46 -3.40 13.52
N ALA B 203 2.61 -3.66 14.81
CA ALA B 203 1.99 -2.81 15.82
C ALA B 203 2.50 -1.38 15.74
N ASN B 204 3.80 -1.20 15.55
CA ASN B 204 4.36 0.15 15.46
C ASN B 204 3.85 0.93 14.26
N SER B 205 3.62 0.23 13.15
CA SER B 205 3.09 0.85 11.96
C SER B 205 1.67 1.37 12.23
N ILE B 206 0.87 0.55 12.89
CA ILE B 206 -0.48 0.97 13.27
C ILE B 206 -0.42 2.17 14.23
N ALA B 207 0.49 2.09 15.22
CA ALA B 207 0.65 3.19 16.17
C ALA B 207 1.04 4.49 15.48
N GLU B 208 1.96 4.38 14.53
CA GLU B 208 2.40 5.56 13.79
C GLU B 208 1.28 6.17 12.97
N ALA B 209 0.43 5.34 12.39
CA ALA B 209 -0.72 5.84 11.63
C ALA B 209 -1.68 6.57 12.60
N ILE B 210 -1.89 5.99 13.78
CA ILE B 210 -2.74 6.64 14.78
C ILE B 210 -2.14 7.99 15.18
N ASN B 211 -0.84 8.00 15.46
CA ASN B 211 -0.15 9.26 15.80
C ASN B 211 -0.35 10.33 14.73
N ARG B 212 -0.13 9.96 13.46
CA ARG B 212 -0.28 10.89 12.34
C ARG B 212 -1.71 11.41 12.19
N SER B 213 -2.68 10.58 12.53
CA SER B 213 -4.08 10.96 12.40
C SER B 213 -4.52 12.02 13.41
N GLY B 214 -3.81 12.11 14.53
CA GLY B 214 -4.17 13.00 15.63
C GLY B 214 -5.37 12.54 16.45
N LEU B 215 -5.95 11.40 16.13
CA LEU B 215 -7.16 10.93 16.80
C LEU B 215 -6.91 10.50 18.24
N SER B 216 -7.95 10.66 19.07
CA SER B 216 -7.89 10.12 20.42
C SER B 216 -8.24 8.63 20.41
N LYS B 217 -7.93 7.98 21.52
CA LYS B 217 -8.22 6.57 21.69
C LYS B 217 -9.72 6.28 21.69
N ARG B 218 -10.57 7.31 21.77
CA ARG B 218 -12.02 7.14 21.76
C ARG B 218 -12.58 7.31 20.35
N GLU B 219 -11.70 7.39 19.35
CA GLU B 219 -12.10 7.70 17.99
C GLU B 219 -11.73 6.62 16.96
N TYR B 220 -11.21 5.49 17.42
CA TYR B 220 -10.95 4.34 16.52
C TYR B 220 -11.13 3.07 17.35
N PHE B 221 -11.57 2.02 16.68
CA PHE B 221 -11.98 0.78 17.34
C PHE B 221 -11.63 -0.39 16.48
N VAL B 222 -11.03 -1.40 17.06
CA VAL B 222 -10.68 -2.60 16.33
C VAL B 222 -11.28 -3.83 17.02
N PHE B 223 -12.15 -4.53 16.30
CA PHE B 223 -12.73 -5.77 16.79
C PHE B 223 -12.27 -6.83 15.80
N ALA B 224 -11.19 -7.51 16.16
CA ALA B 224 -10.63 -8.57 15.34
C ALA B 224 -11.24 -9.91 15.74
N ALA B 225 -11.26 -10.87 14.83
CA ALA B 225 -11.79 -12.18 15.17
C ALA B 225 -11.19 -13.26 14.30
N THR B 226 -11.11 -14.46 14.85
CA THR B 226 -10.75 -15.63 14.07
C THR B 226 -11.22 -16.87 14.82
N GLY B 227 -10.91 -18.04 14.29
CA GLY B 227 -11.27 -19.29 14.95
C GLY B 227 -10.04 -19.98 15.53
N SER B 228 -10.23 -20.81 16.54
CA SER B 228 -9.09 -21.48 17.17
C SER B 228 -8.52 -22.55 16.23
N GLU B 229 -9.26 -22.97 15.22
CA GLU B 229 -8.78 -23.93 14.22
C GLU B 229 -8.53 -23.27 12.88
N ASP B 230 -8.39 -21.94 12.90
CA ASP B 230 -8.17 -21.17 11.70
C ASP B 230 -6.68 -20.86 11.57
N ILE B 231 -6.10 -21.20 10.43
CA ILE B 231 -4.66 -21.00 10.35
C ILE B 231 -4.26 -19.51 10.47
N ALA B 232 -5.18 -18.58 10.26
CA ALA B 232 -4.84 -17.17 10.48
C ALA B 232 -4.48 -16.86 11.93
N TYR B 233 -4.94 -17.70 12.86
CA TYR B 233 -4.70 -17.43 14.28
C TYR B 233 -3.20 -17.33 14.59
N ALA B 234 -2.42 -18.19 13.95
CA ALA B 234 -0.98 -18.24 14.22
C ALA B 234 -0.28 -16.92 13.95
N ASN B 235 -0.71 -16.21 12.91
N ASN B 235 -0.76 -16.21 12.92
CA ASN B 235 -0.10 -14.93 12.61
CA ASN B 235 -0.19 -14.93 12.53
C ASN B 235 -0.86 -13.75 13.24
C ASN B 235 -0.87 -13.76 13.26
N MET B 236 -2.17 -13.89 13.46
CA MET B 236 -2.92 -12.81 14.13
C MET B 236 -2.55 -12.64 15.60
N ASN B 237 -2.45 -13.75 16.33
CA ASN B 237 -2.26 -13.65 17.77
C ASN B 237 -1.02 -12.83 18.21
N PRO B 238 0.16 -13.10 17.64
CA PRO B 238 1.32 -12.29 17.99
C PRO B 238 1.14 -10.81 17.68
N GLN B 239 0.44 -10.51 16.57
CA GLN B 239 0.19 -9.11 16.23
C GLN B 239 -0.73 -8.46 17.26
N ILE B 240 -1.79 -9.18 17.64
CA ILE B 240 -2.73 -8.68 18.64
C ILE B 240 -2.01 -8.42 19.97
N GLU B 241 -1.16 -9.36 20.36
CA GLU B 241 -0.42 -9.20 21.61
C GLU B 241 0.49 -7.97 21.58
N ALA B 242 1.16 -7.75 20.44
CA ALA B 242 2.00 -6.56 20.30
C ALA B 242 1.16 -5.29 20.35
N MET B 243 -0.03 -5.32 19.74
CA MET B 243 -0.90 -4.14 19.77
C MET B 243 -1.41 -3.84 21.18
N LYS B 244 -1.71 -4.90 21.93
CA LYS B 244 -2.18 -4.74 23.31
C LYS B 244 -1.19 -3.94 24.15
N ALA B 245 0.09 -4.13 23.87
CA ALA B 245 1.16 -3.46 24.61
C ALA B 245 1.27 -1.97 24.28
N LEU B 246 0.65 -1.51 23.20
CA LEU B 246 0.69 -0.10 22.84
C LEU B 246 -0.24 0.71 23.72
N PRO B 247 0.13 1.94 24.06
CA PRO B 247 -0.80 2.79 24.81
C PRO B 247 -2.02 3.20 23.97
N HIS B 248 -1.94 2.99 22.66
CA HIS B 248 -2.99 3.39 21.73
C HIS B 248 -4.25 2.55 21.84
N PHE B 249 -4.14 1.39 22.46
CA PHE B 249 -5.26 0.46 22.58
C PHE B 249 -5.56 0.10 24.02
N ASP B 250 -6.84 0.16 24.35
CA ASP B 250 -7.37 -0.26 25.65
C ASP B 250 -8.19 -1.53 25.37
N TYR B 251 -7.72 -2.67 25.82
CA TYR B 251 -8.29 -3.96 25.47
C TYR B 251 -9.55 -4.28 26.27
N THR B 252 -10.66 -4.42 25.57
CA THR B 252 -11.96 -4.78 26.10
C THR B 252 -12.97 -4.71 24.95
N SER B 253 -14.00 -5.54 24.97
CA SER B 253 -15.06 -5.40 23.98
C SER B 253 -16.07 -4.32 24.39
N ASP B 254 -15.96 -3.77 25.59
CA ASP B 254 -16.86 -2.69 26.00
C ASP B 254 -16.30 -1.40 25.41
N PHE B 255 -16.79 -1.03 24.23
CA PHE B 255 -16.27 0.12 23.51
C PHE B 255 -16.69 1.45 24.14
N SER B 256 -17.47 1.40 25.22
CA SER B 256 -17.72 2.62 25.98
C SER B 256 -16.54 2.88 26.90
N LYS B 257 -15.62 1.91 27.01
N LYS B 257 -15.65 1.89 27.06
CA LYS B 257 -14.46 2.00 27.89
CA LYS B 257 -14.49 2.01 27.95
C LYS B 257 -13.17 1.98 27.09
C LYS B 257 -13.13 1.68 27.30
N GLY B 258 -13.15 1.14 26.11
CA GLY B 258 -11.91 0.88 25.42
C GLY B 258 -12.20 0.72 23.95
N ASN B 259 -11.25 0.14 23.24
CA ASN B 259 -11.30 0.21 21.78
C ASN B 259 -10.69 -0.94 21.04
N PHE B 260 -10.45 -2.08 21.68
CA PHE B 260 -9.72 -3.18 21.05
C PHE B 260 -10.13 -4.52 21.63
N TYR B 261 -10.47 -5.47 20.75
CA TYR B 261 -10.84 -6.79 21.20
C TYR B 261 -10.49 -7.80 20.15
N PHE B 262 -10.24 -9.04 20.56
CA PHE B 262 -9.88 -10.15 19.68
C PHE B 262 -10.72 -11.36 20.08
N LEU B 263 -11.75 -11.66 19.31
CA LEU B 263 -12.64 -12.77 19.55
C LEU B 263 -12.10 -14.02 18.88
N VAL B 264 -11.91 -15.07 19.68
CA VAL B 264 -11.44 -16.35 19.15
C VAL B 264 -12.53 -17.39 19.36
N ALA B 265 -13.03 -17.93 18.26
CA ALA B 265 -14.12 -18.88 18.29
C ALA B 265 -13.59 -20.32 18.43
N PRO B 266 -13.93 -20.99 19.53
CA PRO B 266 -13.42 -22.35 19.73
C PRO B 266 -13.89 -23.33 18.65
N GLY B 267 -12.92 -23.99 18.02
CA GLY B 267 -13.20 -25.02 17.05
C GLY B 267 -13.44 -24.56 15.64
N ALA B 268 -13.52 -23.25 15.43
CA ALA B 268 -13.90 -22.74 14.13
C ALA B 268 -12.72 -22.74 13.16
N THR B 269 -13.00 -23.09 11.91
CA THR B 269 -12.01 -23.17 10.85
C THR B 269 -12.10 -22.01 9.89
N HIS B 270 -11.17 -21.97 8.95
CA HIS B 270 -11.04 -20.88 8.00
C HIS B 270 -12.06 -21.09 6.90
N TRP B 271 -13.29 -20.67 7.20
CA TRP B 271 -14.42 -20.92 6.32
C TRP B 271 -15.52 -19.90 6.62
N TRP B 272 -16.12 -19.34 5.58
CA TRP B 272 -17.24 -18.40 5.75
C TRP B 272 -18.39 -18.95 6.60
N GLY B 273 -18.56 -20.28 6.64
CA GLY B 273 -19.60 -20.88 7.45
C GLY B 273 -19.50 -20.46 8.90
N TYR B 274 -18.26 -20.32 9.39
CA TYR B 274 -18.01 -19.80 10.72
C TYR B 274 -17.87 -18.28 10.74
N VAL B 275 -17.13 -17.73 9.77
CA VAL B 275 -16.76 -16.30 9.81
C VAL B 275 -17.99 -15.39 9.78
N ARG B 276 -19.06 -15.79 9.10
CA ARG B 276 -20.26 -15.00 9.08
C ARG B 276 -20.78 -14.77 10.49
N HIS B 277 -20.59 -15.74 11.39
CA HIS B 277 -21.02 -15.60 12.77
C HIS B 277 -20.17 -14.60 13.55
N TYR B 278 -18.91 -14.42 13.14
CA TYR B 278 -18.09 -13.39 13.76
C TYR B 278 -18.69 -12.01 13.50
N ILE B 279 -19.21 -11.80 12.29
CA ILE B 279 -19.86 -10.54 11.93
C ILE B 279 -21.14 -10.39 12.75
N TYR B 280 -21.90 -11.48 12.90
CA TYR B 280 -23.08 -11.45 13.77
C TYR B 280 -22.73 -11.04 15.18
N ASP B 281 -21.62 -11.56 15.69
CA ASP B 281 -21.21 -11.23 17.06
C ASP B 281 -20.66 -9.81 17.21
N ALA B 282 -19.88 -9.36 16.22
CA ALA B 282 -19.12 -8.12 16.32
C ALA B 282 -19.85 -6.89 15.80
N LEU B 283 -20.61 -7.04 14.71
CA LEU B 283 -21.24 -5.87 14.11
C LEU B 283 -22.18 -5.14 15.07
N PRO B 284 -22.92 -5.83 15.94
CA PRO B 284 -23.72 -5.11 16.95
C PRO B 284 -22.93 -4.21 17.89
N TYR B 285 -21.62 -4.42 17.98
CA TYR B 285 -20.76 -3.61 18.85
C TYR B 285 -20.36 -2.29 18.19
N PHE B 286 -20.61 -2.13 16.89
CA PHE B 286 -20.12 -0.97 16.15
C PHE B 286 -21.07 0.22 16.15
N PHE B 287 -20.49 1.40 16.06
CA PHE B 287 -21.19 2.65 15.75
C PHE B 287 -22.04 3.23 16.87
N HIS B 288 -21.73 2.95 18.14
CA HIS B 288 -22.51 3.57 19.22
C HIS B 288 -21.73 4.70 19.87
N GLU B 289 -20.43 4.77 19.65
CA GLU B 289 -19.63 5.82 20.29
C GLU B 289 -19.80 7.10 19.49
N LEU B 290 -20.19 8.17 20.18
CA LEU B 290 -20.49 9.44 19.51
C LEU B 290 -21.65 9.27 18.52
N GLU B 291 -22.56 8.32 18.79
CA GLU B 291 -23.70 8.14 17.90
C GLU B 291 -24.73 9.26 18.10
N HIS B 292 -25.60 9.45 17.10
CA HIS B 292 -26.54 10.57 17.12
C HIS B 292 -27.87 10.25 17.78
N HIS B 293 -28.20 8.98 17.93
CA HIS B 293 -29.41 8.60 18.65
C HIS B 293 -29.09 8.57 20.16
N HIS B 294 -30.13 8.70 20.97
CA HIS B 294 -30.04 8.66 22.42
C HIS B 294 -30.26 7.21 22.85
N HIS B 295 -29.17 6.47 23.03
CA HIS B 295 -29.21 5.05 23.35
C HIS B 295 -28.43 4.78 24.62
N HIS B 296 -28.86 3.76 25.35
CA HIS B 296 -28.15 3.33 26.55
C HIS B 296 -27.62 1.93 26.30
N HIS B 297 -26.31 1.78 26.17
CA HIS B 297 -25.71 0.49 25.92
C HIS B 297 -24.80 0.07 27.07
C4 FER C . 15.86 -1.93 6.40
C5 FER C . 16.75 -1.45 7.34
C6 FER C . 16.56 -0.18 7.89
C3 FER C . 14.81 -1.15 5.99
C2 FER C . 14.61 0.12 6.53
C1 FER C . 15.48 0.61 7.49
C10 FER C . 12.93 -0.91 4.53
C7 FER C . 15.20 1.95 8.04
C8 FER C . 15.95 2.55 8.98
C9 FER C . 15.62 3.91 9.51
O1 FER C . 14.63 4.55 9.10
O2 FER C . 16.40 4.35 10.38
O4 FER C . 16.03 -3.18 5.83
O3 FER C . 13.98 -1.72 5.05
C1 GOL D . 19.71 8.41 7.35
O1 GOL D . 20.06 8.67 6.00
C2 GOL D . 18.37 7.72 7.47
O2 GOL D . 17.65 7.83 6.25
C3 GOL D . 18.59 6.26 7.89
O3 GOL D . 17.87 5.31 7.12
C1 GOL E . 20.16 9.45 -23.46
O1 GOL E . 20.86 8.47 -24.24
C2 GOL E . 18.99 8.81 -22.69
O2 GOL E . 18.31 9.76 -21.85
C3 GOL E . 18.00 8.13 -23.65
O3 GOL E . 17.47 9.10 -24.56
C ACT F . 19.46 12.30 -26.45
O ACT F . 18.68 12.10 -27.41
OXT ACT F . 20.69 12.20 -26.54
CH3 ACT F . 18.88 12.68 -25.13
CD CD G . 33.15 16.90 -14.74
CD CD H . 22.53 2.98 -24.10
CD CD I . 5.62 -7.42 -23.28
CD CD J . 10.23 3.07 -25.92
CD CD K . 21.07 8.34 -30.38
CD CD L . 20.39 11.49 -28.89
C4 FER M . -3.68 -15.18 7.16
C5 FER M . -3.96 -16.50 6.85
C6 FER M . -4.42 -16.84 5.59
C3 FER M . -3.88 -14.21 6.19
C2 FER M . -4.34 -14.56 4.93
C1 FER M . -4.61 -15.87 4.61
C10 FER M . -3.82 -11.88 5.66
C7 FER M . -5.09 -16.15 3.25
C8 FER M . -5.40 -17.36 2.76
C9 FER M . -5.88 -17.58 1.36
O1 FER M . -5.98 -16.65 0.55
O2 FER M . -6.12 -18.75 1.04
O4 FER M . -3.21 -14.83 8.42
O3 FER M . -3.55 -12.94 6.59
C1 GOL N . -12.17 -18.85 0.73
O1 GOL N . -13.18 -18.32 1.56
C2 GOL N . -10.88 -18.06 0.85
O2 GOL N . -11.13 -16.68 0.73
C3 GOL N . -10.22 -18.38 2.18
O3 GOL N . -9.23 -17.41 2.48
C1 GOL O . -26.20 11.97 -0.46
O1 GOL O . -24.94 12.09 0.22
C2 GOL O . -26.96 10.75 0.06
O2 GOL O . -27.29 10.97 1.41
C3 GOL O . -28.21 10.50 -0.77
O3 GOL O . -29.21 11.47 -0.44
C ACT P . -32.52 5.82 11.94
O ACT P . -32.44 7.05 12.04
OXT ACT P . -33.18 5.10 12.73
CH3 ACT P . -31.80 5.15 10.80
CD CD Q . -36.59 -12.46 10.74
CD CD R . -26.74 2.60 19.48
CD CD S . -10.73 14.06 17.79
CD CD T . -21.26 12.20 13.75
CD CD U . -33.02 8.21 17.27
CD CD V . -33.80 7.09 13.91
#